data_4X2I
#
_entry.id   4X2I
#
_cell.length_a   33.905
_cell.length_b   48.181
_cell.length_c   78.314
_cell.angle_alpha   90.00
_cell.angle_beta   90.00
_cell.angle_gamma   90.00
#
_symmetry.space_group_name_H-M   'P 21 21 21'
#
loop_
_entity.id
_entity.type
_entity.pdbx_description
1 polymer 'Bromodomain-containing protein 4'
2 non-polymer 'FORMIC ACID'
3 non-polymer (4R)-6-(4-chlorophenyl)-1,4-dimethyl-5,6-dihydro-4H-[1,2,4]triazolo[4,3-a][1,5]benzodiazepine
4 water water
#
_entity_poly.entity_id   1
_entity_poly.type   'polypeptide(L)'
_entity_poly.pdbx_seq_one_letter_code
;GSTNPPPPETSNPNKPKRQTNQLQYLLRVVLKTLWKHQFAWPFQQPVDAVKLNLPDYYKIIKTPMDMGTIKKRLENNYYW
NAQECIQDFNTMFTNCYIYNKPGDDIVLMAEALEKLFLQKINELPT
;
_entity_poly.pdbx_strand_id   A
#
# COMPACT_ATOMS: atom_id res chain seq x y z
N GLY A 1 -11.30 -0.99 21.53
CA GLY A 1 -10.46 -0.09 20.78
C GLY A 1 -11.38 0.95 20.17
N SER A 2 -11.24 2.21 20.56
CA SER A 2 -12.35 3.04 20.25
C SER A 2 -12.22 3.88 18.98
N THR A 3 -10.97 4.16 18.53
CA THR A 3 -10.74 5.03 17.45
C THR A 3 -9.62 4.41 16.58
N ASN A 4 -9.61 4.85 15.37
CA ASN A 4 -8.53 4.55 14.49
C ASN A 4 -7.44 5.60 14.63
N PRO A 5 -6.21 5.24 14.36
CA PRO A 5 -5.17 6.30 14.28
C PRO A 5 -5.39 7.21 13.10
N PRO A 6 -4.79 8.38 13.10
CA PRO A 6 -4.79 9.16 11.90
C PRO A 6 -4.09 8.38 10.79
N PRO A 7 -4.53 8.58 9.55
CA PRO A 7 -3.94 7.84 8.46
C PRO A 7 -2.51 8.29 8.24
N PRO A 8 -1.72 7.53 7.47
CA PRO A 8 -0.40 7.98 7.15
C PRO A 8 -0.45 9.27 6.34
N GLU A 9 0.64 10.05 6.46
CA GLU A 9 0.75 11.30 5.70
C GLU A 9 0.72 11.02 4.19
N THR A 10 0.01 11.86 3.46
CA THR A 10 -0.06 11.79 1.99
C THR A 10 0.46 13.01 1.27
N SER A 11 0.71 14.07 2.02
CA SER A 11 1.23 15.31 1.51
C SER A 11 2.31 15.82 2.40
N ASN A 12 3.39 16.29 1.84
CA ASN A 12 4.47 16.90 2.65
C ASN A 12 5.26 17.78 1.69
N PRO A 13 4.92 19.10 1.68
CA PRO A 13 5.63 20.02 0.81
C PRO A 13 7.11 20.01 0.93
N ASN A 14 7.61 19.76 2.14
CA ASN A 14 9.03 19.82 2.38
C ASN A 14 9.83 18.58 1.99
N LYS A 15 9.16 17.46 1.77
CA LYS A 15 9.87 16.25 1.44
C LYS A 15 10.41 16.38 0.03
N PRO A 16 11.64 15.89 -0.22
CA PRO A 16 12.18 15.79 -1.57
C PRO A 16 11.27 14.89 -2.40
N LYS A 17 10.99 15.42 -3.54
CA LYS A 17 10.05 14.75 -4.48
C LYS A 17 10.45 14.95 -5.94
N ARG A 18 10.11 13.96 -6.75
CA ARG A 18 10.33 13.99 -8.19
C ARG A 18 9.23 13.24 -8.89
N GLN A 19 9.07 13.60 -10.16
CA GLN A 19 8.30 12.84 -11.11
C GLN A 19 9.39 12.18 -11.91
N THR A 20 9.49 10.87 -11.75
CA THR A 20 10.29 10.03 -12.60
C THR A 20 9.42 9.16 -13.48
N ASN A 21 10.03 8.64 -14.52
CA ASN A 21 9.28 7.69 -15.39
C ASN A 21 8.84 6.48 -14.60
N GLN A 22 9.67 5.99 -13.69
CA GLN A 22 9.25 4.84 -12.90
C GLN A 22 8.12 5.15 -11.96
N LEU A 23 8.15 6.33 -11.33
CA LEU A 23 7.02 6.71 -10.46
C LEU A 23 5.74 6.95 -11.24
N GLN A 24 5.81 7.55 -12.41
CA GLN A 24 4.64 7.66 -13.26
C GLN A 24 4.05 6.31 -13.62
N TYR A 25 4.92 5.36 -13.95
CA TYR A 25 4.51 3.97 -14.24
C TYR A 25 3.90 3.30 -13.06
N LEU A 26 4.46 3.50 -11.88
CA LEU A 26 3.86 2.91 -10.66
C LEU A 26 2.39 3.38 -10.45
N LEU A 27 2.08 4.64 -10.79
CA LEU A 27 0.69 5.08 -10.68
C LEU A 27 -0.16 4.62 -11.84
N ARG A 28 0.31 4.88 -13.05
CA ARG A 28 -0.52 4.67 -14.26
C ARG A 28 -0.77 3.24 -14.58
N VAL A 29 0.20 2.37 -14.33
CA VAL A 29 0.18 0.99 -14.69
C VAL A 29 0.04 0.12 -13.45
N VAL A 30 0.98 0.21 -12.51
CA VAL A 30 0.99 -0.79 -11.47
C VAL A 30 -0.19 -0.66 -10.49
N LEU A 31 -0.29 0.53 -9.89
CA LEU A 31 -1.37 0.72 -8.93
C LEU A 31 -2.76 0.59 -9.56
N LYS A 32 -2.89 1.14 -10.76
CA LYS A 32 -4.18 1.04 -11.43
C LYS A 32 -4.58 -0.39 -11.84
N THR A 33 -3.64 -1.22 -12.22
CA THR A 33 -3.92 -2.65 -12.50
C THR A 33 -4.36 -3.37 -11.22
N LEU A 34 -3.59 -3.16 -10.15
CA LEU A 34 -3.89 -3.79 -8.90
C LEU A 34 -5.24 -3.36 -8.38
N TRP A 35 -5.55 -2.09 -8.56
CA TRP A 35 -6.77 -1.52 -8.00
C TRP A 35 -8.03 -2.23 -8.49
N LYS A 36 -7.94 -2.74 -9.69
CA LYS A 36 -9.12 -3.40 -10.37
C LYS A 36 -9.17 -4.88 -10.09
N HIS A 37 -8.20 -5.44 -9.37
CA HIS A 37 -8.27 -6.85 -9.04
C HIS A 37 -9.41 -7.18 -8.11
N GLN A 38 -9.99 -8.39 -8.28
CA GLN A 38 -11.10 -8.79 -7.39
C GLN A 38 -10.79 -8.81 -5.91
N PHE A 39 -9.49 -8.93 -5.58
CA PHE A 39 -9.09 -9.01 -4.24
C PHE A 39 -8.54 -7.64 -3.70
N ALA A 40 -8.63 -6.57 -4.46
CA ALA A 40 -8.05 -5.29 -4.06
C ALA A 40 -8.75 -4.61 -2.91
N TRP A 41 -10.07 -4.79 -2.78
CA TRP A 41 -10.84 -3.91 -1.91
C TRP A 41 -10.38 -3.78 -0.47
N PRO A 42 -9.85 -4.83 0.21
CA PRO A 42 -9.42 -4.63 1.59
C PRO A 42 -8.22 -3.69 1.69
N PHE A 43 -7.54 -3.48 0.57
CA PHE A 43 -6.28 -2.76 0.52
C PHE A 43 -6.43 -1.35 -0.08
N GLN A 44 -7.67 -0.96 -0.39
CA GLN A 44 -7.90 0.31 -1.02
C GLN A 44 -8.00 1.52 -0.11
N GLN A 45 -7.94 1.29 1.20
CA GLN A 45 -8.01 2.38 2.20
C GLN A 45 -7.43 1.84 3.49
N PRO A 46 -7.09 2.72 4.41
CA PRO A 46 -6.62 2.25 5.69
C PRO A 46 -7.53 1.28 6.34
N VAL A 47 -6.98 0.33 7.08
CA VAL A 47 -7.82 -0.62 7.84
C VAL A 47 -8.64 0.18 8.87
N ASP A 48 -9.96 0.03 8.77
CA ASP A 48 -10.87 0.61 9.76
C ASP A 48 -11.10 -0.41 10.86
N ALA A 49 -10.19 -0.33 11.83
CA ALA A 49 -10.20 -1.32 12.91
C ALA A 49 -11.39 -1.20 13.83
N VAL A 50 -12.02 -0.02 13.83
CA VAL A 50 -13.27 0.22 14.61
C VAL A 50 -14.42 -0.56 13.94
N LYS A 51 -14.62 -0.31 12.65
CA LYS A 51 -15.69 -1.02 11.92
C LYS A 51 -15.52 -2.54 11.91
N LEU A 52 -14.27 -2.95 11.74
CA LEU A 52 -14.00 -4.35 11.59
C LEU A 52 -13.85 -5.09 12.94
N ASN A 53 -13.97 -4.33 14.07
CA ASN A 53 -13.87 -4.90 15.36
C ASN A 53 -12.53 -5.63 15.55
N LEU A 54 -11.44 -4.89 15.25
CA LEU A 54 -10.08 -5.43 15.38
C LEU A 54 -9.32 -4.49 16.32
N PRO A 55 -9.66 -4.50 17.62
CA PRO A 55 -9.06 -3.52 18.52
C PRO A 55 -7.56 -3.73 18.78
N ASP A 56 -7.04 -4.91 18.37
CA ASP A 56 -5.62 -5.18 18.42
C ASP A 56 -4.88 -4.88 17.14
N TYR A 57 -5.52 -4.45 16.05
CA TYR A 57 -4.81 -4.34 14.81
C TYR A 57 -3.69 -3.31 14.92
N TYR A 58 -4.00 -2.11 15.45
CA TYR A 58 -3.01 -1.03 15.59
C TYR A 58 -2.17 -1.14 16.86
N LYS A 59 -2.39 -2.19 17.61
CA LYS A 59 -1.40 -2.60 18.62
C LYS A 59 -0.24 -3.42 18.03
N ILE A 60 -0.56 -4.13 16.97
CA ILE A 60 0.40 -4.99 16.29
C ILE A 60 1.04 -4.34 15.11
N ILE A 61 0.26 -3.55 14.34
CA ILE A 61 0.73 -2.93 13.15
C ILE A 61 1.02 -1.45 13.42
N LYS A 62 2.31 -1.12 13.49
CA LYS A 62 2.75 0.19 13.90
C LYS A 62 3.18 1.09 12.72
N THR A 63 3.30 0.51 11.52
CA THR A 63 3.53 1.28 10.29
C THR A 63 2.45 0.90 9.27
N PRO A 64 1.22 1.41 9.47
CA PRO A 64 0.13 1.10 8.55
C PRO A 64 0.42 1.55 7.13
N MET A 65 -0.09 0.81 6.13
CA MET A 65 0.01 1.30 4.77
C MET A 65 -1.05 0.57 3.97
N ASP A 66 -1.52 1.26 2.91
CA ASP A 66 -2.62 0.79 2.04
C ASP A 66 -2.49 1.43 0.71
N MET A 67 -3.18 0.90 -0.28
CA MET A 67 -3.11 1.42 -1.65
C MET A 67 -3.83 2.76 -1.81
N GLY A 68 -4.79 3.06 -0.96
CA GLY A 68 -5.37 4.40 -1.06
C GLY A 68 -4.36 5.50 -0.65
N THR A 69 -3.62 5.21 0.43
CA THR A 69 -2.52 6.11 0.82
C THR A 69 -1.46 6.20 -0.27
N ILE A 70 -1.09 5.04 -0.83
CA ILE A 70 -0.09 5.05 -1.89
C ILE A 70 -0.56 5.86 -3.08
N LYS A 71 -1.81 5.66 -3.48
CA LYS A 71 -2.34 6.35 -4.64
C LYS A 71 -2.28 7.86 -4.37
N LYS A 72 -2.65 8.28 -3.18
CA LYS A 72 -2.61 9.72 -2.85
C LYS A 72 -1.17 10.25 -2.86
N ARG A 73 -0.24 9.46 -2.31
CA ARG A 73 1.18 9.84 -2.34
C ARG A 73 1.68 10.01 -3.76
N LEU A 74 1.34 9.07 -4.63
CA LEU A 74 1.72 9.15 -6.01
C LEU A 74 1.14 10.40 -6.67
N GLU A 75 -0.18 10.61 -6.51
CA GLU A 75 -0.88 11.80 -7.04
C GLU A 75 -0.30 13.11 -6.49
N ASN A 76 0.21 13.12 -5.27
CA ASN A 76 0.72 14.31 -4.64
C ASN A 76 2.22 14.46 -4.83
N ASN A 77 2.80 13.70 -5.76
N ASN A 77 2.79 13.56 -5.61
CA ASN A 77 4.25 13.59 -5.97
CA ASN A 77 4.18 13.62 -5.87
C ASN A 77 5.07 13.59 -4.67
C ASN A 77 5.04 13.56 -4.65
N TYR A 78 4.71 12.67 -3.76
CA TYR A 78 5.35 12.52 -2.46
C TYR A 78 6.74 11.92 -2.45
N TYR A 79 6.99 11.05 -3.45
CA TYR A 79 8.16 10.23 -3.49
C TYR A 79 9.33 10.83 -4.32
N TRP A 80 10.54 10.55 -3.87
CA TRP A 80 11.75 10.90 -4.59
C TRP A 80 12.02 9.88 -5.71
N ASN A 81 11.76 8.58 -5.41
CA ASN A 81 12.09 7.55 -6.41
C ASN A 81 11.12 6.38 -6.22
N ALA A 82 11.12 5.51 -7.21
CA ALA A 82 10.23 4.39 -7.20
C ALA A 82 10.47 3.45 -6.08
N GLN A 83 11.72 3.29 -5.65
N GLN A 83 11.73 3.28 -5.63
CA GLN A 83 11.95 2.42 -4.49
CA GLN A 83 11.97 2.39 -4.50
C GLN A 83 11.22 2.80 -3.24
C GLN A 83 11.23 2.78 -3.26
N GLU A 84 11.07 4.10 -3.02
CA GLU A 84 10.32 4.55 -1.87
C GLU A 84 8.87 4.06 -1.95
N CYS A 85 8.31 4.09 -3.14
CA CYS A 85 6.92 3.66 -3.35
C CYS A 85 6.80 2.15 -3.22
N ILE A 86 7.70 1.44 -3.86
CA ILE A 86 7.79 -0.01 -3.73
C ILE A 86 7.85 -0.45 -2.26
N GLN A 87 8.63 0.27 -1.47
CA GLN A 87 8.69 -0.03 -0.06
C GLN A 87 7.33 0.12 0.63
N ASP A 88 6.56 1.10 0.24
CA ASP A 88 5.21 1.24 0.82
C ASP A 88 4.31 0.03 0.40
N PHE A 89 4.37 -0.41 -0.85
CA PHE A 89 3.65 -1.64 -1.20
C PHE A 89 4.10 -2.80 -0.31
N ASN A 90 5.45 -2.94 -0.17
CA ASN A 90 5.94 -4.05 0.66
C ASN A 90 5.50 -3.98 2.14
N THR A 91 5.45 -2.75 2.67
CA THR A 91 4.92 -2.57 4.02
C THR A 91 3.48 -3.01 4.09
N MET A 92 2.66 -2.62 3.09
CA MET A 92 1.25 -3.03 3.07
C MET A 92 1.14 -4.56 3.11
N PHE A 93 1.87 -5.25 2.20
CA PHE A 93 1.73 -6.72 2.19
C PHE A 93 2.24 -7.34 3.49
N THR A 94 3.39 -6.91 3.93
CA THR A 94 4.00 -7.42 5.14
CA THR A 94 3.93 -7.52 5.10
C THR A 94 3.07 -7.26 6.36
N ASN A 95 2.43 -6.10 6.45
CA ASN A 95 1.49 -5.87 7.55
C ASN A 95 0.43 -6.95 7.57
N CYS A 96 -0.09 -7.27 6.36
CA CYS A 96 -1.16 -8.27 6.29
C CYS A 96 -0.60 -9.63 6.76
N TYR A 97 0.60 -9.97 6.34
CA TYR A 97 1.18 -11.26 6.75
C TYR A 97 1.51 -11.29 8.24
N ILE A 98 1.82 -10.15 8.83
CA ILE A 98 2.10 -10.10 10.27
C ILE A 98 0.81 -10.32 11.06
N TYR A 99 -0.25 -9.56 10.74
CA TYR A 99 -1.42 -9.55 11.59
C TYR A 99 -2.15 -10.91 11.46
N ASN A 100 -2.13 -11.48 10.25
CA ASN A 100 -2.86 -12.68 9.93
C ASN A 100 -1.94 -13.83 9.75
N LYS A 101 -2.50 -14.98 9.31
CA LYS A 101 -1.78 -16.27 9.27
C LYS A 101 -1.90 -16.88 7.91
N PRO A 102 -0.91 -17.68 7.50
CA PRO A 102 -1.07 -18.45 6.24
C PRO A 102 -2.37 -19.26 6.23
N GLY A 103 -3.03 -19.17 5.06
CA GLY A 103 -4.28 -19.83 4.85
C GLY A 103 -5.47 -18.97 5.07
N ASP A 104 -5.34 -17.87 5.84
CA ASP A 104 -6.48 -17.03 6.09
C ASP A 104 -6.87 -16.45 4.76
N ASP A 105 -8.14 -16.21 4.60
CA ASP A 105 -8.66 -15.65 3.39
C ASP A 105 -7.97 -14.33 3.01
N ILE A 106 -7.73 -13.44 3.99
CA ILE A 106 -7.13 -12.15 3.66
C ILE A 106 -5.69 -12.33 3.15
N VAL A 107 -5.00 -13.33 3.69
CA VAL A 107 -3.66 -13.65 3.26
C VAL A 107 -3.64 -14.19 1.85
N LEU A 108 -4.61 -15.05 1.51
CA LEU A 108 -4.67 -15.48 0.13
C LEU A 108 -4.88 -14.30 -0.82
N MET A 109 -5.67 -13.33 -0.40
CA MET A 109 -5.95 -12.14 -1.18
C MET A 109 -4.65 -11.33 -1.34
N ALA A 110 -3.95 -11.10 -0.24
CA ALA A 110 -2.71 -10.37 -0.34
C ALA A 110 -1.69 -11.10 -1.22
N GLU A 111 -1.61 -12.42 -1.11
CA GLU A 111 -0.68 -13.21 -1.92
C GLU A 111 -0.96 -13.01 -3.41
N ALA A 112 -2.21 -13.02 -3.83
CA ALA A 112 -2.55 -12.85 -5.20
C ALA A 112 -2.19 -11.46 -5.70
N LEU A 113 -2.50 -10.46 -4.87
CA LEU A 113 -2.19 -9.08 -5.28
C LEU A 113 -0.69 -8.91 -5.34
N GLU A 114 0.06 -9.47 -4.38
CA GLU A 114 1.49 -9.36 -4.36
C GLU A 114 2.13 -10.02 -5.59
N LYS A 115 1.63 -11.20 -5.95
CA LYS A 115 2.12 -11.87 -7.15
C LYS A 115 1.98 -10.98 -8.36
N LEU A 116 0.83 -10.35 -8.51
CA LEU A 116 0.60 -9.39 -9.60
C LEU A 116 1.63 -8.16 -9.58
N PHE A 117 1.69 -7.62 -8.36
CA PHE A 117 2.54 -6.50 -8.11
C PHE A 117 3.97 -6.83 -8.59
N LEU A 118 4.47 -7.99 -8.15
CA LEU A 118 5.80 -8.40 -8.50
C LEU A 118 5.98 -8.66 -9.99
N GLN A 119 4.93 -9.19 -10.62
CA GLN A 119 4.98 -9.36 -12.06
C GLN A 119 5.09 -8.00 -12.77
N LYS A 120 4.30 -7.00 -12.30
CA LYS A 120 4.29 -5.69 -12.91
C LYS A 120 5.53 -4.86 -12.68
N ILE A 121 6.22 -5.05 -11.54
CA ILE A 121 7.47 -4.28 -11.27
C ILE A 121 8.72 -5.04 -11.71
N ASN A 122 8.57 -6.26 -12.22
CA ASN A 122 9.71 -6.99 -12.66
C ASN A 122 10.54 -6.22 -13.66
N GLU A 123 9.88 -5.56 -14.61
CA GLU A 123 10.51 -4.67 -15.54
C GLU A 123 9.85 -3.31 -15.40
N LEU A 124 10.69 -2.32 -15.17
CA LEU A 124 10.31 -0.91 -14.95
C LEU A 124 10.93 -0.07 -16.09
N PRO A 125 10.37 1.13 -16.35
CA PRO A 125 11.06 2.03 -17.26
C PRO A 125 12.43 2.39 -16.74
N THR A 126 13.26 2.89 -17.64
CA THR A 126 14.63 3.38 -17.33
C THR A 126 14.65 4.89 -16.98
#